data_2DWI
#
_entry.id   2DWI
#
_cell.length_a   63.472
_cell.length_b   50.439
_cell.length_c   65.930
_cell.angle_alpha   90.00
_cell.angle_beta   107.78
_cell.angle_gamma   90.00
#
_symmetry.space_group_name_H-M   'P 1 21 1'
#
loop_
_entity.id
_entity.type
_entity.pdbx_description
1 polymer Lactotransferrin
2 branched alpha-D-mannopyranose-(1-4)-[beta-D-mannopyranose-(1-6)]beta-D-mannopyranose-(1-4)-2-acetamido-2-deoxy-beta-D-glucopyranose-(1-4)-2-acetamido-2-deoxy-beta-D-glucopyranose
3 branched 2-acetamido-2-deoxy-beta-D-glucopyranose-(1-4)-2-acetamido-2-deoxy-beta-D-glucopyranose
4 branched beta-D-mannopyranose-(1-4)-alpha-D-mannopyranose-(1-4)-beta-D-mannopyranose-(1-4)-beta-D-mannopyranose-(1-4)-2-acetamido-2-deoxy-beta-D-glucopyranose-(1-4)-2-acetamido-2-deoxy-beta-D-glucopyranose
5 branched beta-D-glucopyranose-(1-4)-beta-D-glucopyranose
6 non-polymer 'FE (III) ION'
7 non-polymer 'CARBONATE ION'
8 non-polymer 'ZINC ION'
9 non-polymer 'SULFATE ION'
10 water water
#
_entity_poly.entity_id   1
_entity_poly.type   'polypeptide(L)'
_entity_poly.pdbx_seq_one_letter_code
;YTRVVWCAVGPEEQKKCQQWSQQSGQNVTCATASTTDDCIVLVLKGEADALNLDGGYIYTAGKCGLVPVLAENRKSSKHS
SLDCVLRPTEGYLAVAVVKKANEGLTWNSLKDKKSCHTAVDRTAGWNIPMGLIVNQTGSCAFDEFFSQSCAPGADPKSRL
CALCAGDDQGLDKCVPNSKEKYYGYTGAFRCLAEDVGDVAFVKNDTVWENTNGESTADWAKNLKREDFRLLCLDGTRKPV
TEAQSCHLAVAPNHAVVSRSDRAAHVEQVLLHQQALFGKNGKNCPDKFCLFKSETKNLLFNDNTECLAKLGGRPTYEEYL
GTEYVTAIANLKKCSTSPLLEACAF
;
_entity_poly.pdbx_strand_id   A
#
# COMPACT_ATOMS: atom_id res chain seq x y z
N TYR A 1 -15.97 -20.75 -17.61
CA TYR A 1 -15.46 -20.63 -16.21
C TYR A 1 -14.28 -19.68 -16.10
N THR A 2 -13.19 -20.05 -16.77
CA THR A 2 -11.82 -19.75 -16.34
C THR A 2 -11.22 -18.40 -16.77
N ARG A 3 -12.07 -17.40 -16.99
CA ARG A 3 -11.59 -16.04 -17.26
C ARG A 3 -11.82 -15.14 -16.03
N VAL A 4 -10.77 -14.44 -15.62
CA VAL A 4 -10.82 -13.52 -14.48
C VAL A 4 -10.79 -12.05 -14.95
N VAL A 5 -11.62 -11.21 -14.32
CA VAL A 5 -11.63 -9.77 -14.59
C VAL A 5 -10.89 -9.10 -13.44
N TRP A 6 -9.71 -8.54 -13.73
CA TRP A 6 -8.95 -7.81 -12.73
C TRP A 6 -9.50 -6.38 -12.63
N CYS A 7 -9.54 -5.80 -11.44
CA CYS A 7 -9.91 -4.39 -11.32
C CYS A 7 -8.67 -3.48 -11.17
N ALA A 8 -8.51 -2.55 -12.09
CA ALA A 8 -7.39 -1.62 -12.08
C ALA A 8 -7.84 -0.29 -11.47
N VAL A 9 -6.99 0.29 -10.63
CA VAL A 9 -7.26 1.59 -10.05
C VAL A 9 -6.45 2.67 -10.80
N GLY A 10 -7.16 3.44 -11.63
CA GLY A 10 -6.59 4.57 -12.36
C GLY A 10 -5.99 4.16 -13.69
N PRO A 11 -5.60 5.14 -14.52
CA PRO A 11 -5.12 4.92 -15.89
C PRO A 11 -3.81 4.16 -16.06
N GLU A 12 -2.87 4.29 -15.11
CA GLU A 12 -1.60 3.60 -15.19
C GLU A 12 -1.75 2.12 -14.86
N GLU A 13 -2.56 1.78 -13.87
CA GLU A 13 -2.84 0.38 -13.58
C GLU A 13 -3.62 -0.22 -14.76
N GLN A 14 -4.51 0.57 -15.37
CA GLN A 14 -5.25 0.09 -16.55
C GLN A 14 -4.31 -0.34 -17.69
N LYS A 15 -3.32 0.50 -17.97
CA LYS A 15 -2.36 0.20 -19.02
C LYS A 15 -1.55 -1.07 -18.73
N LYS A 16 -1.05 -1.24 -17.51
CA LYS A 16 -0.37 -2.49 -17.15
C LYS A 16 -1.29 -3.70 -17.28
N CYS A 17 -2.52 -3.59 -16.79
CA CYS A 17 -3.50 -4.64 -16.94
C CYS A 17 -3.76 -5.01 -18.39
N GLN A 18 -3.86 -4.02 -19.28
CA GLN A 18 -4.09 -4.31 -20.70
C GLN A 18 -2.97 -5.14 -21.31
N GLN A 19 -1.73 -4.85 -20.90
CA GLN A 19 -0.57 -5.63 -21.33
C GLN A 19 -0.66 -7.07 -20.82
N TRP A 20 -1.00 -7.21 -19.53
CA TRP A 20 -1.20 -8.50 -18.88
C TRP A 20 -2.33 -9.25 -19.58
N SER A 21 -3.43 -8.56 -19.84
CA SER A 21 -4.54 -9.16 -20.57
C SER A 21 -4.15 -9.71 -21.95
N GLN A 22 -3.45 -8.90 -22.74
CA GLN A 22 -2.93 -9.30 -24.04
C GLN A 22 -2.03 -10.54 -23.99
N GLN A 23 -0.99 -10.50 -23.15
CA GLN A 23 -0.04 -11.61 -22.98
C GLN A 23 -0.63 -12.92 -22.43
N SER A 24 -1.73 -12.83 -21.72
CA SER A 24 -2.37 -14.00 -21.12
C SER A 24 -3.39 -14.65 -22.05
N GLY A 25 -3.56 -14.09 -23.25
CA GLY A 25 -4.49 -14.64 -24.22
C GLY A 25 -5.95 -14.46 -23.80
N GLN A 26 -6.21 -13.35 -23.10
CA GLN A 26 -7.54 -13.05 -22.58
C GLN A 26 -7.97 -13.99 -21.46
N ASN A 27 -7.02 -14.68 -20.84
CA ASN A 27 -7.36 -15.42 -19.62
C ASN A 27 -7.67 -14.45 -18.47
N VAL A 28 -7.11 -13.24 -18.54
CA VAL A 28 -7.37 -12.16 -17.61
C VAL A 28 -7.80 -10.97 -18.45
N THR A 29 -8.86 -10.29 -18.04
CA THR A 29 -9.26 -9.04 -18.68
C THR A 29 -9.40 -8.00 -17.57
N CYS A 30 -9.73 -6.77 -17.95
CA CYS A 30 -9.57 -5.62 -17.06
C CYS A 30 -10.81 -4.76 -16.97
N ALA A 31 -11.25 -4.47 -15.75
CA ALA A 31 -12.22 -3.43 -15.50
C ALA A 31 -11.39 -2.31 -14.85
N THR A 32 -11.82 -1.06 -15.01
CA THR A 32 -11.07 0.05 -14.40
C THR A 32 -12.01 0.95 -13.61
N ALA A 33 -11.53 1.43 -12.46
CA ALA A 33 -12.26 2.38 -11.64
C ALA A 33 -11.30 3.45 -11.16
N SER A 34 -11.83 4.56 -10.65
CA SER A 34 -11.00 5.69 -10.25
C SER A 34 -10.46 5.56 -8.82
N THR A 35 -11.11 4.75 -8.00
CA THR A 35 -10.66 4.55 -6.63
C THR A 35 -10.70 3.05 -6.30
N THR A 36 -9.99 2.68 -5.24
CA THR A 36 -10.03 1.33 -4.69
C THR A 36 -11.43 0.95 -4.23
N ASP A 37 -12.14 1.90 -3.61
CA ASP A 37 -13.51 1.67 -3.14
C ASP A 37 -14.46 1.33 -4.30
N ASP A 38 -14.37 2.08 -5.39
CA ASP A 38 -15.15 1.76 -6.58
C ASP A 38 -14.82 0.40 -7.12
N CYS A 39 -13.54 0.01 -7.10
CA CYS A 39 -13.17 -1.34 -7.49
C CYS A 39 -13.84 -2.39 -6.60
N ILE A 40 -13.88 -2.16 -5.29
CA ILE A 40 -14.54 -3.07 -4.34
C ILE A 40 -16.01 -3.23 -4.68
N VAL A 41 -16.65 -2.14 -5.11
CA VAL A 41 -18.05 -2.16 -5.52
C VAL A 41 -18.27 -2.97 -6.80
N LEU A 42 -17.39 -2.82 -7.80
CA LEU A 42 -17.45 -3.66 -9.01
C LEU A 42 -17.37 -5.15 -8.68
N VAL A 43 -16.44 -5.51 -7.79
CA VAL A 43 -16.32 -6.89 -7.35
C VAL A 43 -17.63 -7.38 -6.70
N LEU A 44 -18.23 -6.57 -5.82
CA LEU A 44 -19.48 -6.95 -5.16
C LEU A 44 -20.61 -7.19 -6.18
N LYS A 45 -20.61 -6.38 -7.24
CA LYS A 45 -21.64 -6.49 -8.25
C LYS A 45 -21.45 -7.68 -9.17
N GLY A 46 -20.24 -8.26 -9.15
CA GLY A 46 -19.87 -9.33 -10.06
C GLY A 46 -19.36 -8.86 -11.41
N GLU A 47 -19.02 -7.58 -11.53
CA GLU A 47 -18.51 -7.01 -12.78
C GLU A 47 -16.98 -7.05 -12.89
N ALA A 48 -16.29 -7.25 -11.77
CA ALA A 48 -14.89 -7.63 -11.76
C ALA A 48 -14.74 -8.78 -10.75
N ASP A 49 -13.63 -9.50 -10.81
CA ASP A 49 -13.44 -10.64 -9.89
C ASP A 49 -12.50 -10.42 -8.70
N ALA A 50 -11.48 -9.59 -8.87
CA ALA A 50 -10.35 -9.55 -7.93
C ALA A 50 -9.46 -8.32 -8.09
N LEU A 51 -8.76 -7.96 -7.03
CA LEU A 51 -7.67 -6.97 -7.09
C LEU A 51 -6.83 -7.22 -5.84
N ASN A 52 -5.64 -6.61 -5.81
CA ASN A 52 -4.69 -6.77 -4.71
C ASN A 52 -4.91 -5.55 -3.80
N LEU A 53 -5.14 -5.77 -2.51
CA LEU A 53 -5.48 -4.69 -1.59
C LEU A 53 -4.53 -4.57 -0.41
N ASP A 54 -4.30 -3.33 0.01
CA ASP A 54 -3.65 -3.07 1.29
C ASP A 54 -4.52 -3.55 2.44
N GLY A 55 -3.91 -3.86 3.57
CA GLY A 55 -4.63 -4.30 4.78
C GLY A 55 -5.83 -3.47 5.17
N GLY A 56 -5.71 -2.14 5.14
CA GLY A 56 -6.84 -1.26 5.45
C GLY A 56 -8.09 -1.44 4.58
N TYR A 57 -7.90 -1.73 3.30
CA TYR A 57 -9.01 -1.99 2.39
C TYR A 57 -9.52 -3.43 2.51
N ILE A 58 -8.66 -4.35 2.94
CA ILE A 58 -9.12 -5.71 3.21
C ILE A 58 -10.14 -5.68 4.34
N TYR A 59 -9.94 -4.76 5.27
CA TYR A 59 -10.93 -4.55 6.35
C TYR A 59 -12.28 -4.05 5.83
N THR A 60 -12.27 -3.05 4.95
CA THR A 60 -13.46 -2.56 4.25
C THR A 60 -14.15 -3.66 3.44
N ALA A 61 -13.37 -4.36 2.62
CA ALA A 61 -13.89 -5.36 1.71
C ALA A 61 -14.48 -6.53 2.48
N GLY A 62 -13.86 -6.85 3.61
CA GLY A 62 -14.17 -8.04 4.40
C GLY A 62 -15.53 -7.97 5.05
N LYS A 63 -15.86 -6.79 5.58
CA LYS A 63 -17.17 -6.46 6.09
C LYS A 63 -18.30 -6.59 5.05
N CYS A 64 -17.95 -6.44 3.78
CA CYS A 64 -18.87 -6.63 2.65
C CYS A 64 -18.86 -8.07 2.12
N GLY A 65 -18.18 -8.97 2.82
CA GLY A 65 -18.14 -10.39 2.44
C GLY A 65 -17.05 -10.83 1.47
N LEU A 66 -16.10 -9.96 1.14
CA LEU A 66 -15.00 -10.41 0.27
C LEU A 66 -13.93 -11.11 1.12
N VAL A 67 -13.17 -11.99 0.48
CA VAL A 67 -12.22 -12.83 1.20
C VAL A 67 -10.83 -12.77 0.59
N PRO A 68 -9.80 -12.84 1.44
CA PRO A 68 -8.43 -12.91 0.97
C PRO A 68 -8.20 -14.26 0.31
N VAL A 69 -7.44 -14.25 -0.78
CA VAL A 69 -7.28 -15.43 -1.63
C VAL A 69 -5.81 -15.86 -1.65
N LEU A 70 -4.91 -14.90 -1.88
CA LEU A 70 -3.47 -15.11 -1.92
C LEU A 70 -2.81 -13.84 -1.41
N ALA A 71 -1.67 -13.97 -0.73
CA ALA A 71 -0.93 -12.82 -0.24
C ALA A 71 0.35 -12.54 -1.02
N GLU A 72 0.72 -11.27 -1.16
CA GLU A 72 2.07 -10.94 -1.60
C GLU A 72 3.09 -11.53 -0.63
N ASN A 73 4.14 -12.15 -1.19
CA ASN A 73 5.23 -12.64 -0.38
C ASN A 73 6.52 -12.10 -0.98
N ARG A 74 7.27 -11.33 -0.21
CA ARG A 74 8.56 -10.82 -0.70
C ARG A 74 9.69 -11.72 -0.21
N LYS A 75 10.91 -11.47 -0.68
CA LYS A 75 12.06 -12.28 -0.27
C LYS A 75 12.38 -12.14 1.22
N SER A 76 12.53 -13.26 1.91
CA SER A 76 12.86 -13.26 3.33
C SER A 76 14.20 -13.92 3.59
N SER A 77 14.62 -13.94 4.86
CA SER A 77 15.87 -14.60 5.23
C SER A 77 15.65 -15.95 5.93
N LYS A 78 14.51 -16.09 6.61
CA LYS A 78 14.16 -17.35 7.29
C LYS A 78 13.03 -18.08 6.55
N HIS A 79 12.78 -19.34 6.93
CA HIS A 79 11.83 -20.21 6.23
C HIS A 79 12.31 -20.55 4.83
N SER A 80 13.62 -20.48 4.63
CA SER A 80 14.25 -20.52 3.31
C SER A 80 14.04 -21.81 2.51
N SER A 81 14.00 -22.95 3.19
CA SER A 81 13.84 -24.25 2.53
C SER A 81 12.55 -24.36 1.72
N LEU A 82 11.47 -23.76 2.21
CA LEU A 82 10.15 -23.84 1.59
C LEU A 82 10.03 -23.00 0.32
N ASP A 83 9.20 -23.45 -0.62
CA ASP A 83 8.94 -22.69 -1.83
C ASP A 83 8.21 -21.39 -1.48
N CYS A 84 8.32 -20.38 -2.34
CA CYS A 84 7.72 -19.07 -2.08
C CYS A 84 6.19 -19.16 -1.92
N VAL A 85 5.53 -19.94 -2.76
CA VAL A 85 4.08 -20.09 -2.71
C VAL A 85 3.54 -20.70 -1.41
N LEU A 86 4.36 -21.52 -0.75
CA LEU A 86 3.92 -22.22 0.46
C LEU A 86 4.46 -21.60 1.76
N ARG A 87 5.26 -20.56 1.62
CA ARG A 87 5.93 -19.90 2.74
C ARG A 87 4.99 -18.95 3.49
N PRO A 88 5.04 -18.97 4.83
CA PRO A 88 4.26 -18.02 5.61
C PRO A 88 4.71 -16.59 5.29
N THR A 89 3.77 -15.65 5.29
CA THR A 89 4.07 -14.25 5.05
C THR A 89 4.62 -13.62 6.34
N GLU A 90 5.51 -12.64 6.22
CA GLU A 90 6.11 -12.04 7.40
C GLU A 90 5.53 -10.68 7.81
N GLY A 91 4.93 -9.96 6.89
CA GLY A 91 4.37 -8.66 7.25
C GLY A 91 5.39 -7.59 6.94
N TYR A 92 4.97 -6.33 6.89
CA TYR A 92 5.97 -5.32 6.64
C TYR A 92 5.97 -4.35 7.80
N LEU A 93 7.03 -3.55 7.89
CA LEU A 93 7.18 -2.63 9.00
C LEU A 93 6.66 -1.25 8.62
N ALA A 94 5.66 -0.76 9.33
CA ALA A 94 5.20 0.62 9.15
C ALA A 94 6.20 1.54 9.85
N VAL A 95 6.79 2.49 9.12
CA VAL A 95 7.71 3.46 9.72
C VAL A 95 7.31 4.94 9.51
N ALA A 96 7.82 5.84 10.35
CA ALA A 96 7.70 7.27 10.09
C ALA A 96 9.09 7.75 9.76
N VAL A 97 9.23 8.46 8.64
CA VAL A 97 10.53 8.86 8.12
C VAL A 97 10.67 10.37 8.02
N VAL A 98 11.81 10.89 8.42
CA VAL A 98 12.13 12.34 8.32
C VAL A 98 13.51 12.55 7.68
N LYS A 99 13.83 13.79 7.32
CA LYS A 99 15.19 14.13 6.88
C LYS A 99 16.12 14.25 8.09
N LYS A 100 17.31 13.69 7.98
CA LYS A 100 18.35 13.93 9.01
C LYS A 100 18.49 15.42 9.29
N ALA A 101 18.59 16.23 8.23
CA ALA A 101 18.79 17.67 8.34
C ALA A 101 17.72 18.39 9.15
N ASN A 102 16.58 17.75 9.34
CA ASN A 102 15.48 18.32 10.11
C ASN A 102 15.66 17.88 11.57
N GLU A 103 16.64 18.46 12.25
CA GLU A 103 17.03 18.08 13.61
C GLU A 103 16.00 18.38 14.66
N GLY A 104 16.03 17.61 15.73
CA GLY A 104 15.09 17.90 16.80
C GLY A 104 13.61 17.67 16.50
N LEU A 105 13.31 17.12 15.33
CA LEU A 105 11.98 16.61 15.02
C LEU A 105 11.91 15.15 15.44
N THR A 106 11.06 14.86 16.42
CA THR A 106 10.88 13.51 16.96
C THR A 106 9.39 13.19 16.94
N TRP A 107 9.00 12.01 17.43
CA TRP A 107 7.59 11.64 17.51
C TRP A 107 6.77 12.60 18.37
N ASN A 108 7.36 13.13 19.44
CA ASN A 108 6.67 14.04 20.35
C ASN A 108 6.68 15.49 19.90
N SER A 109 7.18 15.78 18.70
CA SER A 109 7.08 17.14 18.18
C SER A 109 6.53 17.15 16.76
N LEU A 110 5.63 16.20 16.50
CA LEU A 110 4.96 16.06 15.20
C LEU A 110 3.82 17.05 15.03
N LYS A 111 3.25 17.52 16.14
CA LYS A 111 2.11 18.43 16.05
C LYS A 111 2.43 19.73 15.32
N ASP A 112 1.54 20.11 14.40
CA ASP A 112 1.72 21.31 13.57
C ASP A 112 2.80 21.19 12.49
N LYS A 113 3.34 19.99 12.29
CA LYS A 113 4.22 19.76 11.16
C LYS A 113 3.45 19.39 9.88
N LYS A 114 4.17 19.16 8.78
CA LYS A 114 3.58 18.79 7.48
C LYS A 114 3.76 17.30 7.24
N SER A 115 2.69 16.60 6.86
CA SER A 115 2.74 15.14 6.77
C SER A 115 2.47 14.57 5.36
N CYS A 116 3.09 13.44 5.05
CA CYS A 116 2.90 12.71 3.78
C CYS A 116 2.41 11.30 4.09
N HIS A 117 1.24 10.96 3.54
CA HIS A 117 0.53 9.71 3.82
C HIS A 117 0.28 9.03 2.49
N THR A 118 0.31 7.70 2.48
CA THR A 118 0.06 6.95 1.23
C THR A 118 -1.32 7.25 0.62
N ALA A 119 -2.33 7.22 1.48
CA ALA A 119 -3.74 7.45 1.12
C ALA A 119 -4.52 7.25 2.40
N VAL A 120 -5.70 7.86 2.49
CA VAL A 120 -6.59 7.62 3.62
C VAL A 120 -6.98 6.14 3.62
N ASP A 121 -7.14 5.58 4.81
CA ASP A 121 -7.60 4.19 5.00
C ASP A 121 -6.58 3.09 4.76
N ARG A 122 -5.34 3.45 4.49
CA ARG A 122 -4.29 2.47 4.25
C ARG A 122 -3.50 2.22 5.55
N THR A 123 -2.90 1.04 5.67
CA THR A 123 -2.23 0.65 6.92
C THR A 123 -1.08 1.56 7.41
N ALA A 124 0.01 1.57 6.66
CA ALA A 124 1.17 2.32 7.08
C ALA A 124 0.97 3.83 6.89
N GLY A 125 0.15 4.24 5.92
CA GLY A 125 0.02 5.66 5.62
C GLY A 125 -0.99 6.40 6.49
N TRP A 126 -1.93 5.65 7.06
CA TRP A 126 -3.07 6.26 7.74
C TRP A 126 -3.47 5.54 9.04
N ASN A 127 -3.96 4.31 8.92
CA ASN A 127 -4.54 3.58 10.04
C ASN A 127 -3.61 3.50 11.26
N ILE A 128 -2.36 3.11 11.04
CA ILE A 128 -1.40 2.97 12.15
C ILE A 128 -1.04 4.34 12.77
N PRO A 129 -0.46 5.26 11.97
CA PRO A 129 -0.06 6.55 12.54
C PRO A 129 -1.20 7.38 13.12
N MET A 130 -2.36 7.42 12.45
CA MET A 130 -3.48 8.19 12.96
C MET A 130 -4.15 7.53 14.17
N GLY A 131 -4.17 6.20 14.18
CA GLY A 131 -4.68 5.45 15.34
C GLY A 131 -3.86 5.77 16.57
N LEU A 132 -2.53 5.82 16.41
CA LEU A 132 -1.64 6.14 17.52
C LEU A 132 -1.80 7.59 17.98
N ILE A 133 -1.99 8.51 17.04
CA ILE A 133 -2.15 9.92 17.35
C ILE A 133 -3.47 10.21 18.04
N VAL A 134 -4.54 9.54 17.62
CA VAL A 134 -5.84 9.64 18.30
C VAL A 134 -5.71 9.10 19.73
N ASN A 135 -5.20 7.90 19.90
CA ASN A 135 -5.00 7.33 21.23
C ASN A 135 -4.20 8.29 22.11
N GLN A 136 -3.11 8.83 21.56
CA GLN A 136 -2.22 9.71 22.33
C GLN A 136 -2.78 11.09 22.65
N THR A 137 -3.57 11.68 21.76
CA THR A 137 -4.14 13.00 22.05
C THR A 137 -5.51 12.93 22.71
N GLY A 138 -6.10 11.73 22.76
CA GLY A 138 -7.46 11.54 23.26
C GLY A 138 -8.47 12.43 22.56
N SER A 139 -8.29 12.62 21.26
CA SER A 139 -9.15 13.49 20.47
C SER A 139 -9.33 12.88 19.08
N CYS A 140 -10.53 13.01 18.51
CA CYS A 140 -10.77 12.50 17.15
C CYS A 140 -10.45 13.52 16.07
N ALA A 141 -9.96 14.69 16.48
CA ALA A 141 -9.63 15.75 15.54
C ALA A 141 -8.30 15.53 14.83
N PHE A 142 -8.09 14.32 14.29
CA PHE A 142 -6.89 13.98 13.52
C PHE A 142 -6.72 14.86 12.28
N ASP A 143 -7.78 15.56 11.91
N ASP A 143 -7.79 15.56 11.91
CA ASP A 143 -7.76 16.48 10.77
CA ASP A 143 -7.79 16.49 10.77
C ASP A 143 -7.18 17.83 11.17
C ASP A 143 -7.11 17.80 11.15
N GLU A 144 -6.80 17.96 12.43
CA GLU A 144 -6.20 19.19 12.94
C GLU A 144 -4.81 19.02 13.55
N PHE A 145 -4.33 17.78 13.65
CA PHE A 145 -3.01 17.51 14.22
C PHE A 145 -1.87 18.13 13.42
N PHE A 146 -1.82 17.83 12.11
CA PHE A 146 -0.77 18.35 11.25
C PHE A 146 -1.20 19.69 10.66
N SER A 147 -0.28 20.61 10.40
CA SER A 147 -0.72 21.88 9.82
C SER A 147 -1.22 21.69 8.40
N GLN A 148 -0.52 20.82 7.66
CA GLN A 148 -0.81 20.58 6.25
C GLN A 148 -0.37 19.16 5.89
N SER A 149 -1.09 18.51 5.00
CA SER A 149 -0.78 17.13 4.62
C SER A 149 -1.05 16.87 3.15
N CYS A 150 -0.51 15.76 2.67
CA CYS A 150 -1.08 15.12 1.48
C CYS A 150 -1.54 13.75 1.96
N ALA A 151 -2.85 13.54 1.92
CA ALA A 151 -3.48 12.29 2.36
C ALA A 151 -4.51 11.98 1.29
N PRO A 152 -4.08 11.37 0.17
CA PRO A 152 -5.02 11.11 -0.92
C PRO A 152 -6.32 10.46 -0.47
N GLY A 153 -7.45 10.97 -0.96
CA GLY A 153 -8.74 10.44 -0.57
C GLY A 153 -9.50 11.28 0.45
N ALA A 154 -8.86 12.29 1.03
CA ALA A 154 -9.53 13.23 1.93
C ALA A 154 -10.14 14.37 1.11
N ASP A 155 -10.84 15.30 1.74
CA ASP A 155 -11.50 16.40 1.03
C ASP A 155 -10.46 17.32 0.35
N PRO A 156 -10.52 17.47 -0.98
CA PRO A 156 -9.52 18.29 -1.67
C PRO A 156 -9.43 19.75 -1.20
N LYS A 157 -10.51 20.27 -0.61
CA LYS A 157 -10.53 21.63 -0.09
C LYS A 157 -9.94 21.73 1.31
N SER A 158 -9.66 20.59 1.94
CA SER A 158 -9.15 20.60 3.32
C SER A 158 -7.64 20.63 3.42
N ARG A 159 -7.15 20.84 4.65
CA ARG A 159 -5.71 20.87 4.90
C ARG A 159 -5.06 19.49 4.72
N LEU A 160 -5.83 18.43 4.86
CA LEU A 160 -5.34 17.08 4.55
C LEU A 160 -4.95 16.88 3.08
N CYS A 161 -5.35 17.80 2.20
CA CYS A 161 -5.00 17.73 0.78
C CYS A 161 -4.14 18.91 0.28
N ALA A 162 -3.82 19.84 1.16
CA ALA A 162 -3.11 21.07 0.78
C ALA A 162 -1.80 20.81 0.06
N LEU A 163 -1.13 19.73 0.44
CA LEU A 163 0.21 19.45 -0.06
C LEU A 163 0.24 18.51 -1.27
N CYS A 164 -0.91 17.95 -1.63
CA CYS A 164 -0.97 17.07 -2.80
C CYS A 164 -0.89 17.87 -4.09
N ALA A 165 -0.43 17.26 -5.17
CA ALA A 165 -0.05 18.04 -6.34
C ALA A 165 -0.91 17.75 -7.55
N GLY A 166 -1.60 16.63 -7.55
CA GLY A 166 -2.31 16.18 -8.73
C GLY A 166 -1.39 15.63 -9.80
N ASP A 167 -1.89 15.63 -11.03
CA ASP A 167 -1.16 15.06 -12.15
C ASP A 167 -0.29 16.12 -12.84
N ASP A 168 0.29 15.77 -13.99
N ASP A 168 0.23 15.79 -14.02
CA ASP A 168 1.13 16.69 -14.76
CA ASP A 168 1.14 16.66 -14.78
C ASP A 168 0.53 18.08 -14.80
C ASP A 168 0.53 18.00 -15.18
N GLN A 169 -0.79 18.12 -15.00
CA GLN A 169 -1.51 19.38 -15.25
C GLN A 169 -2.14 20.02 -14.01
N GLY A 170 -1.91 19.43 -12.84
CA GLY A 170 -2.55 19.94 -11.64
C GLY A 170 -3.99 19.46 -11.52
N LEU A 171 -4.35 18.51 -12.38
CA LEU A 171 -5.68 17.92 -12.29
C LEU A 171 -5.66 16.73 -11.33
N ASP A 172 -6.82 16.34 -10.84
CA ASP A 172 -6.98 15.16 -9.98
C ASP A 172 -6.22 15.29 -8.66
N LYS A 173 -6.10 16.51 -8.16
CA LYS A 173 -5.40 16.74 -6.90
C LYS A 173 -6.05 15.92 -5.80
N CYS A 174 -5.23 15.15 -5.11
CA CYS A 174 -5.65 14.35 -3.98
C CYS A 174 -6.49 13.11 -4.33
N VAL A 175 -6.61 12.72 -5.59
CA VAL A 175 -7.33 11.47 -5.87
C VAL A 175 -6.49 10.30 -5.37
N PRO A 176 -7.13 9.26 -4.80
CA PRO A 176 -6.36 8.11 -4.32
C PRO A 176 -6.12 7.06 -5.40
N ASN A 177 -5.33 7.47 -6.39
CA ASN A 177 -4.80 6.61 -7.43
C ASN A 177 -3.50 7.28 -7.89
N SER A 178 -2.72 6.56 -8.69
CA SER A 178 -1.37 6.95 -9.03
C SER A 178 -1.31 8.17 -9.95
N LYS A 179 -2.45 8.76 -10.29
CA LYS A 179 -2.43 10.02 -11.02
C LYS A 179 -1.99 11.15 -10.11
N GLU A 180 -2.29 11.03 -8.82
CA GLU A 180 -1.80 11.99 -7.85
C GLU A 180 -0.29 11.75 -7.65
N LYS A 181 0.52 12.77 -7.90
CA LYS A 181 1.96 12.70 -7.73
C LYS A 181 2.46 12.08 -6.41
N TYR A 182 1.83 12.44 -5.29
CA TYR A 182 2.26 11.98 -3.97
C TYR A 182 1.43 10.81 -3.39
N TYR A 183 0.81 10.02 -4.25
CA TYR A 183 0.01 8.85 -3.82
C TYR A 183 0.88 7.62 -3.60
N GLY A 184 0.49 6.80 -2.63
CA GLY A 184 1.08 5.48 -2.46
C GLY A 184 2.39 5.56 -1.70
N TYR A 185 3.03 4.40 -1.51
CA TYR A 185 4.31 4.35 -0.83
C TYR A 185 5.33 5.27 -1.52
N THR A 186 5.48 5.12 -2.83
CA THR A 186 6.50 5.87 -3.56
C THR A 186 6.21 7.37 -3.52
N GLY A 187 4.94 7.74 -3.74
CA GLY A 187 4.51 9.12 -3.70
C GLY A 187 4.66 9.84 -2.37
N ALA A 188 4.25 9.19 -1.27
CA ALA A 188 4.48 9.75 0.07
C ALA A 188 5.96 9.91 0.38
N PHE A 189 6.81 8.99 -0.10
CA PHE A 189 8.22 9.15 0.15
C PHE A 189 8.83 10.26 -0.71
N ARG A 190 8.30 10.47 -1.91
CA ARG A 190 8.70 11.58 -2.78
C ARG A 190 8.32 12.93 -2.16
N CYS A 191 7.16 12.97 -1.52
CA CYS A 191 6.65 14.14 -0.83
C CYS A 191 7.64 14.57 0.27
N LEU A 192 8.22 13.60 0.95
CA LEU A 192 9.27 13.88 1.92
C LEU A 192 10.58 14.30 1.25
N ALA A 193 11.05 13.49 0.30
CA ALA A 193 12.31 13.73 -0.39
C ALA A 193 12.39 15.13 -0.99
N GLU A 194 11.26 15.67 -1.46
CA GLU A 194 11.22 16.97 -2.11
C GLU A 194 10.98 18.07 -1.10
N ASP A 195 10.91 17.69 0.17
CA ASP A 195 10.70 18.64 1.25
C ASP A 195 9.37 19.36 1.20
N VAL A 196 8.35 18.73 0.62
CA VAL A 196 6.99 19.21 0.72
C VAL A 196 6.46 18.98 2.14
N GLY A 197 6.70 17.79 2.68
CA GLY A 197 6.27 17.50 4.05
C GLY A 197 7.48 17.29 4.94
N ASP A 198 7.27 17.30 6.25
CA ASP A 198 8.32 17.02 7.23
C ASP A 198 8.44 15.54 7.59
N VAL A 199 7.35 14.79 7.41
CA VAL A 199 7.32 13.39 7.80
C VAL A 199 6.54 12.55 6.77
N ALA A 200 7.07 11.39 6.40
CA ALA A 200 6.34 10.43 5.60
C ALA A 200 6.04 9.13 6.37
N PHE A 201 4.81 8.66 6.22
CA PHE A 201 4.34 7.43 6.83
C PHE A 201 4.23 6.37 5.73
N VAL A 202 5.26 5.53 5.68
CA VAL A 202 5.42 4.51 4.65
C VAL A 202 5.85 3.22 5.34
N LYS A 203 6.42 2.29 4.58
CA LYS A 203 6.97 1.06 5.15
C LYS A 203 8.49 1.07 4.97
N ASN A 204 9.17 0.22 5.72
CA ASN A 204 10.63 0.13 5.70
C ASN A 204 11.19 -0.04 4.29
N ASP A 205 10.56 -0.89 3.50
CA ASP A 205 11.06 -1.20 2.16
C ASP A 205 11.15 0.02 1.23
N THR A 206 10.23 0.96 1.39
CA THR A 206 10.15 2.13 0.53
C THR A 206 11.43 2.97 0.57
N VAL A 207 11.96 3.19 1.78
CA VAL A 207 13.21 3.93 1.94
C VAL A 207 14.38 3.30 1.17
N TRP A 208 14.61 2.01 1.38
CA TRP A 208 15.66 1.26 0.68
C TRP A 208 15.52 1.21 -0.83
N GLU A 209 14.29 1.10 -1.32
CA GLU A 209 14.06 0.90 -2.75
C GLU A 209 14.18 2.19 -3.54
N ASN A 210 14.15 3.32 -2.83
CA ASN A 210 14.24 4.62 -3.47
C ASN A 210 15.46 5.47 -3.06
N THR A 211 16.50 4.80 -2.58
CA THR A 211 17.75 5.49 -2.19
C THR A 211 18.99 4.74 -2.68
N ASN A 212 20.12 5.44 -2.72
CA ASN A 212 21.41 4.83 -3.05
C ASN A 212 21.47 4.22 -4.44
N GLY A 213 20.76 4.83 -5.39
CA GLY A 213 20.70 4.32 -6.76
C GLY A 213 19.78 3.15 -7.06
N GLU A 214 18.99 2.71 -6.09
CA GLU A 214 18.04 1.60 -6.30
C GLU A 214 16.89 2.02 -7.23
N SER A 215 16.59 3.31 -7.24
CA SER A 215 15.65 3.89 -8.20
C SER A 215 16.42 4.81 -9.12
N THR A 216 16.10 4.77 -10.41
CA THR A 216 16.75 5.64 -11.38
C THR A 216 15.87 6.83 -11.75
N ALA A 217 14.69 6.91 -11.12
CA ALA A 217 13.78 8.03 -11.31
C ALA A 217 14.51 9.33 -11.00
N ASP A 218 14.13 10.40 -11.68
N ASP A 218 14.10 10.42 -11.64
CA ASP A 218 14.81 11.69 -11.57
CA ASP A 218 14.84 11.68 -11.56
C ASP A 218 14.84 12.22 -10.14
C ASP A 218 14.80 12.32 -10.17
N TRP A 219 13.73 12.09 -9.43
CA TRP A 219 13.63 12.62 -8.07
C TRP A 219 14.42 11.78 -7.06
N ALA A 220 14.66 10.51 -7.35
CA ALA A 220 15.30 9.59 -6.40
C ALA A 220 16.78 9.29 -6.67
N LYS A 221 17.25 9.68 -7.85
CA LYS A 221 18.64 9.54 -8.31
C LYS A 221 19.70 9.77 -7.23
N ASN A 222 19.62 10.92 -6.57
CA ASN A 222 20.67 11.34 -5.65
C ASN A 222 20.34 11.14 -4.16
N LEU A 223 19.22 10.51 -3.83
CA LEU A 223 18.88 10.27 -2.43
C LEU A 223 19.81 9.22 -1.81
N LYS A 224 20.31 9.54 -0.62
CA LYS A 224 21.21 8.70 0.14
C LYS A 224 20.47 8.28 1.42
N ARG A 225 20.54 6.99 1.77
CA ARG A 225 19.98 6.49 3.03
C ARG A 225 20.37 7.27 4.29
N GLU A 226 21.62 7.74 4.33
CA GLU A 226 22.14 8.44 5.52
C GLU A 226 21.47 9.79 5.73
N ASP A 227 20.74 10.26 4.72
CA ASP A 227 20.05 11.55 4.81
C ASP A 227 18.69 11.43 5.50
N PHE A 228 18.33 10.22 5.90
CA PHE A 228 17.01 9.97 6.45
C PHE A 228 17.10 9.37 7.85
N ARG A 229 16.07 9.60 8.66
CA ARG A 229 15.95 9.01 9.99
C ARG A 229 14.51 8.52 10.27
N LEU A 230 14.43 7.39 10.96
CA LEU A 230 13.16 6.85 11.42
C LEU A 230 12.78 7.46 12.76
N LEU A 231 11.50 7.81 12.94
CA LEU A 231 11.02 8.20 14.27
C LEU A 231 10.49 6.99 15.03
N CYS A 232 11.07 6.75 16.21
CA CYS A 232 10.63 5.68 17.10
C CYS A 232 9.64 6.22 18.11
N LEU A 233 8.86 5.31 18.67
CA LEU A 233 7.79 5.71 19.58
C LEU A 233 8.30 6.20 20.94
N ASP A 234 9.53 5.87 21.29
CA ASP A 234 10.14 6.39 22.51
C ASP A 234 10.84 7.76 22.40
N GLY A 235 10.61 8.50 21.31
CA GLY A 235 11.19 9.83 21.19
C GLY A 235 12.56 9.84 20.52
N THR A 236 13.14 8.68 20.29
CA THR A 236 14.45 8.65 19.65
C THR A 236 14.34 8.76 18.12
N ARG A 237 15.47 9.00 17.47
CA ARG A 237 15.60 8.96 16.03
C ARG A 237 16.69 7.94 15.74
N LYS A 238 16.53 7.12 14.70
CA LYS A 238 17.51 6.09 14.37
C LYS A 238 17.79 5.99 12.88
N PRO A 239 18.97 5.47 12.51
CA PRO A 239 19.21 5.18 11.10
C PRO A 239 18.22 4.17 10.51
N VAL A 240 18.01 4.27 9.21
CA VAL A 240 17.05 3.41 8.51
C VAL A 240 17.45 1.95 8.56
N THR A 241 18.67 1.68 8.98
CA THR A 241 19.12 0.30 9.18
C THR A 241 18.49 -0.33 10.42
N GLU A 242 17.86 0.49 11.25
CA GLU A 242 17.40 0.07 12.57
C GLU A 242 15.88 -0.11 12.66
N ALA A 243 15.25 -0.40 11.54
CA ALA A 243 13.80 -0.54 11.47
C ALA A 243 13.23 -1.64 12.38
N GLN A 244 13.95 -2.73 12.59
N GLN A 244 13.98 -2.71 12.59
CA GLN A 244 13.43 -3.78 13.46
CA GLN A 244 13.55 -3.80 13.45
C GLN A 244 13.22 -3.29 14.89
C GLN A 244 13.30 -3.34 14.89
N SER A 245 13.94 -2.25 15.30
CA SER A 245 13.77 -1.73 16.65
C SER A 245 13.12 -0.34 16.75
N CYS A 246 12.72 0.20 15.60
CA CYS A 246 12.14 1.53 15.51
C CYS A 246 11.07 1.61 14.40
N HIS A 247 9.97 0.89 14.61
CA HIS A 247 8.82 0.93 13.69
C HIS A 247 7.56 1.26 14.49
N LEU A 248 6.48 1.58 13.80
CA LEU A 248 5.22 1.88 14.45
C LEU A 248 4.36 0.63 14.65
N ALA A 249 4.53 -0.37 13.80
CA ALA A 249 3.77 -1.62 13.88
C ALA A 249 4.25 -2.55 12.78
N VAL A 250 3.88 -3.83 12.87
CA VAL A 250 4.02 -4.68 11.71
C VAL A 250 2.65 -4.84 11.05
N ALA A 251 2.64 -4.72 9.73
CA ALA A 251 1.41 -4.70 8.95
C ALA A 251 1.23 -6.04 8.23
N PRO A 252 -0.01 -6.52 8.09
CA PRO A 252 -0.22 -7.70 7.26
C PRO A 252 0.02 -7.39 5.78
N ASN A 253 0.54 -8.35 5.05
CA ASN A 253 0.87 -8.11 3.66
C ASN A 253 -0.39 -7.75 2.84
N HIS A 254 -0.18 -7.01 1.74
CA HIS A 254 -1.22 -6.82 0.73
C HIS A 254 -1.62 -8.19 0.22
N ALA A 255 -2.90 -8.34 -0.13
CA ALA A 255 -3.45 -9.62 -0.52
C ALA A 255 -4.49 -9.44 -1.61
N VAL A 256 -4.54 -10.40 -2.53
CA VAL A 256 -5.62 -10.52 -3.50
C VAL A 256 -6.93 -10.87 -2.79
N VAL A 257 -7.99 -10.13 -3.08
CA VAL A 257 -9.31 -10.48 -2.56
C VAL A 257 -10.30 -10.70 -3.70
N SER A 258 -11.35 -11.47 -3.41
CA SER A 258 -12.43 -11.64 -4.37
C SER A 258 -13.69 -11.98 -3.60
N ARG A 259 -14.81 -12.05 -4.31
CA ARG A 259 -16.06 -12.55 -3.72
C ARG A 259 -15.89 -14.00 -3.29
N SER A 260 -16.44 -14.36 -2.13
CA SER A 260 -16.32 -15.71 -1.62
C SER A 260 -16.67 -16.79 -2.64
N ASP A 261 -17.74 -16.59 -3.37
CA ASP A 261 -18.16 -17.58 -4.38
C ASP A 261 -17.22 -17.67 -5.61
N ARG A 262 -16.23 -16.79 -5.71
CA ARG A 262 -15.34 -16.81 -6.87
C ARG A 262 -13.91 -17.18 -6.49
N ALA A 263 -13.68 -17.36 -5.19
CA ALA A 263 -12.35 -17.46 -4.61
C ALA A 263 -11.50 -18.57 -5.22
N ALA A 264 -12.08 -19.76 -5.40
CA ALA A 264 -11.31 -20.92 -5.79
C ALA A 264 -10.86 -20.77 -7.22
N HIS A 265 -11.73 -20.18 -8.03
CA HIS A 265 -11.47 -19.96 -9.44
C HIS A 265 -10.43 -18.84 -9.64
N VAL A 266 -10.50 -17.79 -8.84
CA VAL A 266 -9.47 -16.73 -8.88
C VAL A 266 -8.10 -17.29 -8.48
N GLU A 267 -8.07 -18.09 -7.42
CA GLU A 267 -6.83 -18.72 -6.96
C GLU A 267 -6.18 -19.59 -8.04
N GLN A 268 -6.93 -20.49 -8.64
CA GLN A 268 -6.41 -21.34 -9.71
C GLN A 268 -5.81 -20.55 -10.87
N VAL A 269 -6.53 -19.54 -11.36
CA VAL A 269 -6.02 -18.75 -12.48
C VAL A 269 -4.73 -18.02 -12.10
N LEU A 270 -4.69 -17.42 -10.93
CA LEU A 270 -3.56 -16.60 -10.52
C LEU A 270 -2.28 -17.40 -10.30
N LEU A 271 -2.38 -18.58 -9.68
CA LEU A 271 -1.25 -19.52 -9.57
C LEU A 271 -0.61 -19.88 -10.92
N HIS A 272 -1.43 -20.09 -11.95
CA HIS A 272 -0.94 -20.34 -13.31
C HIS A 272 -0.38 -19.09 -14.00
N GLN A 273 -1.02 -17.94 -13.78
CA GLN A 273 -0.52 -16.67 -14.31
C GLN A 273 0.85 -16.32 -13.73
N GLN A 274 1.12 -16.69 -12.48
CA GLN A 274 2.43 -16.38 -11.92
C GLN A 274 3.56 -17.34 -12.36
N ALA A 275 3.22 -18.60 -12.65
CA ALA A 275 4.17 -19.54 -13.25
C ALA A 275 4.68 -19.00 -14.59
N LEU A 276 3.83 -18.24 -15.28
CA LEU A 276 4.13 -17.60 -16.55
C LEU A 276 4.78 -16.22 -16.43
N PHE A 277 4.29 -15.37 -15.54
CA PHE A 277 4.74 -13.97 -15.50
C PHE A 277 5.39 -13.50 -14.19
N GLY A 278 5.46 -14.39 -13.20
CA GLY A 278 6.09 -14.06 -11.92
C GLY A 278 7.61 -13.98 -11.94
N LYS A 279 8.21 -13.96 -10.75
CA LYS A 279 9.66 -13.76 -10.66
C LYS A 279 10.49 -14.75 -11.48
N ASN A 280 10.14 -16.03 -11.47
CA ASN A 280 10.90 -16.99 -12.27
C ASN A 280 10.10 -17.57 -13.43
N GLY A 281 9.13 -16.79 -13.90
CA GLY A 281 8.13 -17.30 -14.83
C GLY A 281 8.65 -17.59 -16.22
N LYS A 282 7.97 -18.51 -16.89
CA LYS A 282 8.28 -18.91 -18.26
C LYS A 282 8.52 -17.67 -19.12
N ASN A 283 7.74 -16.62 -18.90
CA ASN A 283 7.69 -15.49 -19.82
C ASN A 283 8.13 -14.13 -19.28
N CYS A 284 8.71 -14.07 -18.09
CA CYS A 284 8.82 -12.77 -17.42
C CYS A 284 9.89 -11.84 -17.95
N PRO A 285 11.16 -12.24 -17.89
CA PRO A 285 12.03 -11.22 -18.43
C PRO A 285 11.63 -10.94 -19.89
N ASP A 286 11.27 -12.00 -20.60
CA ASP A 286 11.14 -11.98 -22.05
C ASP A 286 9.92 -11.21 -22.55
N LYS A 287 8.72 -11.75 -22.32
CA LYS A 287 7.50 -11.09 -22.77
C LYS A 287 6.93 -10.09 -21.76
N PHE A 288 6.65 -10.53 -20.54
CA PHE A 288 5.93 -9.68 -19.57
C PHE A 288 6.17 -10.11 -18.13
N CYS A 289 6.41 -9.15 -17.24
CA CYS A 289 6.57 -9.42 -15.82
C CYS A 289 5.45 -8.77 -15.00
N LEU A 290 4.67 -9.61 -14.33
CA LEU A 290 3.59 -9.19 -13.44
C LEU A 290 4.04 -8.29 -12.30
N PHE A 291 5.19 -8.59 -11.71
CA PHE A 291 5.63 -7.87 -10.52
C PHE A 291 6.64 -6.76 -10.84
N LYS A 292 6.65 -6.26 -12.08
CA LYS A 292 7.47 -5.10 -12.42
C LYS A 292 6.67 -3.93 -12.99
N SER A 293 7.15 -2.72 -12.73
CA SER A 293 6.61 -1.47 -13.27
C SER A 293 7.41 -0.25 -12.81
N GLU A 294 8.74 -0.33 -12.88
CA GLU A 294 9.64 0.77 -12.48
C GLU A 294 9.24 1.54 -11.21
N THR A 295 9.21 0.84 -10.08
CA THR A 295 9.09 1.47 -8.75
C THR A 295 7.73 2.13 -8.52
N LYS A 296 6.77 1.84 -9.39
N LYS A 296 6.78 1.81 -9.38
CA LYS A 296 5.46 2.47 -9.33
CA LYS A 296 5.46 2.45 -9.36
C LYS A 296 4.43 1.64 -8.55
C LYS A 296 4.39 1.61 -8.68
N ASN A 297 4.73 0.37 -8.33
CA ASN A 297 3.86 -0.52 -7.56
C ASN A 297 2.47 -0.62 -8.15
N LEU A 298 2.39 -0.93 -9.45
CA LEU A 298 1.13 -0.98 -10.17
C LEU A 298 0.59 -2.40 -10.13
N LEU A 299 -0.66 -2.56 -9.70
CA LEU A 299 -1.35 -3.85 -9.45
C LEU A 299 -0.81 -4.63 -8.26
N PHE A 300 0.51 -4.77 -8.20
CA PHE A 300 1.19 -5.48 -7.13
C PHE A 300 2.38 -4.63 -6.74
N ASN A 301 2.89 -4.79 -5.52
CA ASN A 301 4.18 -4.18 -5.15
C ASN A 301 5.32 -4.77 -5.98
N ASP A 302 6.28 -3.93 -6.38
CA ASP A 302 7.40 -4.38 -7.23
C ASP A 302 8.35 -5.33 -6.49
N ASN A 303 8.40 -5.24 -5.17
CA ASN A 303 9.27 -6.15 -4.43
C ASN A 303 8.66 -7.55 -4.17
N THR A 304 7.52 -7.85 -4.80
CA THR A 304 6.88 -9.16 -4.67
C THR A 304 7.65 -10.31 -5.34
N GLU A 305 8.00 -11.33 -4.57
CA GLU A 305 8.59 -12.54 -5.10
C GLU A 305 7.55 -13.47 -5.69
N CYS A 306 6.44 -13.64 -4.95
CA CYS A 306 5.32 -14.44 -5.44
C CYS A 306 4.05 -14.09 -4.68
N LEU A 307 2.93 -14.57 -5.21
CA LEU A 307 1.69 -14.67 -4.44
C LEU A 307 1.64 -16.04 -3.75
N ALA A 308 1.34 -16.02 -2.45
CA ALA A 308 1.44 -17.18 -1.59
C ALA A 308 0.07 -17.66 -1.10
N LYS A 309 -0.08 -18.98 -0.98
CA LYS A 309 -1.32 -19.56 -0.45
C LYS A 309 -1.43 -19.18 1.02
N LEU A 310 -2.63 -19.15 1.55
CA LEU A 310 -2.77 -18.67 2.92
C LEU A 310 -2.66 -19.74 4.02
N GLY A 311 -3.36 -20.85 3.90
CA GLY A 311 -3.14 -21.89 4.91
C GLY A 311 -3.81 -21.52 6.22
N GLY A 312 -4.75 -22.37 6.63
CA GLY A 312 -5.65 -22.04 7.73
C GLY A 312 -6.91 -21.43 7.16
N ARG A 313 -7.03 -21.44 5.83
CA ARG A 313 -8.13 -20.78 5.12
C ARG A 313 -8.76 -19.65 5.95
N PRO A 314 -7.98 -18.58 6.21
CA PRO A 314 -8.43 -17.59 7.19
C PRO A 314 -9.55 -16.70 6.68
N THR A 315 -10.37 -16.21 7.60
CA THR A 315 -11.28 -15.12 7.30
C THR A 315 -10.47 -13.81 7.21
N TYR A 316 -11.11 -12.72 6.80
CA TYR A 316 -10.40 -11.45 6.74
C TYR A 316 -9.91 -10.98 8.12
N GLU A 317 -10.65 -11.34 9.17
CA GLU A 317 -10.27 -10.98 10.54
C GLU A 317 -9.06 -11.75 11.04
N GLU A 318 -9.05 -13.06 10.74
CA GLU A 318 -7.89 -13.87 11.04
C GLU A 318 -6.69 -13.46 10.19
N TYR A 319 -6.93 -13.14 8.92
CA TYR A 319 -5.83 -12.69 8.06
C TYR A 319 -5.22 -11.39 8.58
N LEU A 320 -6.04 -10.42 8.95
CA LEU A 320 -5.50 -9.16 9.45
C LEU A 320 -4.94 -9.27 10.88
N GLY A 321 -5.53 -10.14 11.70
CA GLY A 321 -5.14 -10.37 13.11
C GLY A 321 -5.89 -9.49 14.10
N THR A 322 -6.13 -10.01 15.32
CA THR A 322 -6.91 -9.26 16.33
C THR A 322 -6.30 -7.92 16.75
N GLU A 323 -4.98 -7.83 16.83
CA GLU A 323 -4.29 -6.56 17.08
C GLU A 323 -4.71 -5.48 16.07
N TYR A 324 -4.54 -5.78 14.79
CA TYR A 324 -4.79 -4.81 13.74
C TYR A 324 -6.25 -4.40 13.62
N VAL A 325 -7.18 -5.37 13.67
CA VAL A 325 -8.59 -5.03 13.46
C VAL A 325 -9.17 -4.22 14.61
N THR A 326 -8.58 -4.30 15.80
CA THR A 326 -9.14 -3.51 16.90
C THR A 326 -8.62 -2.07 16.84
N ALA A 327 -7.41 -1.91 16.33
CA ALA A 327 -6.90 -0.58 15.99
C ALA A 327 -7.79 0.14 14.96
N ILE A 328 -8.10 -0.52 13.84
CA ILE A 328 -8.98 0.08 12.83
C ILE A 328 -10.35 0.47 13.37
N ALA A 329 -10.96 -0.42 14.16
CA ALA A 329 -12.29 -0.18 14.72
C ALA A 329 -12.33 1.01 15.67
N ASN A 330 -11.32 1.10 16.53
CA ASN A 330 -11.18 2.25 17.44
C ASN A 330 -10.98 3.58 16.72
N LEU A 331 -10.24 3.56 15.61
CA LEU A 331 -10.06 4.76 14.79
C LEU A 331 -11.34 5.05 14.00
N LYS A 332 -12.01 4.00 13.52
CA LYS A 332 -13.23 4.14 12.73
C LYS A 332 -14.33 4.80 13.55
N LYS A 333 -14.25 4.67 14.87
CA LYS A 333 -15.17 5.34 15.80
C LYS A 333 -15.14 6.86 15.71
N CYS A 334 -14.05 7.43 15.21
CA CYS A 334 -13.95 8.87 15.05
C CYS A 334 -14.73 9.40 13.85
N SER A 335 -14.65 8.71 12.72
CA SER A 335 -15.25 9.22 11.48
C SER A 335 -16.74 8.94 11.37
N LEU A 340 -22.62 0.25 14.20
CA LEU A 340 -21.77 0.62 13.07
C LEU A 340 -21.03 -0.59 12.50
N GLU A 341 -21.64 -1.76 12.63
CA GLU A 341 -21.17 -2.97 11.96
C GLU A 341 -22.02 -3.27 10.73
N ALA A 342 -21.42 -3.12 9.55
CA ALA A 342 -22.12 -3.33 8.28
C ALA A 342 -21.22 -2.88 7.13
N CYS A 343 -21.56 -3.31 5.92
CA CYS A 343 -20.86 -2.89 4.70
C CYS A 343 -21.10 -1.40 4.40
N ALA A 344 -20.02 -0.67 4.13
CA ALA A 344 -20.07 0.76 3.85
C ALA A 344 -20.75 1.10 2.52
N PHE A 345 -21.12 0.06 1.75
CA PHE A 345 -21.84 0.28 0.49
C PHE A 345 -23.19 -0.43 0.52
#